data_9I6C
#
_entry.id   9I6C
#
_cell.length_a   60.78
_cell.length_b   86.41
_cell.length_c   132.35
_cell.angle_alpha   90
_cell.angle_beta   90
_cell.angle_gamma   90
#
_symmetry.space_group_name_H-M   'C 2 2 21'
#
loop_
_entity.id
_entity.type
_entity.pdbx_description
1 polymer 'Alkaline serine protease'
2 polymer Leupeptin
3 non-polymer 'CALCIUM ION'
4 non-polymer 'SULFATE ION'
5 non-polymer GLYCEROL
6 water water
#
loop_
_entity_poly.entity_id
_entity_poly.type
_entity_poly.pdbx_seq_one_letter_code
_entity_poly.pdbx_strand_id
1 'polypeptide(L)'
;LAPNDPYYQQYQWHLHNATGGINAPSAWDVSQGEGVVVAVLDTGILPQHPDLVGNLLEGYDFISDAETSRRATNDRVPGA
QDYGDWVENDNECYTGSVAEDSSWHGTHVAGTVAEQTNNGVGMAGVAHKAKVLPVRVLGKCGGYLSDIADAITWASGGTV
AGVPANANPAEVINMSLGGSGSCDGTYQDAINGAISRGTTVVVAAGNETDNASKYRPASCDGVVTVGATRITGGITYYSN
YGSRVDLSGPGGGGSVDGNPGGYVWQSGSDAATTPESGSYSYMGMGGTSMASPHVAAVAALVQSALIAKGKDPLAPAAMR
TLLKETARPFPVSIPTATPIGTGIVDAKAALAKALE
;
A
2 'polypeptide(L)' (ACE)LL(OAR) B
#
# COMPACT_ATOMS: atom_id res chain seq x y z
N LEU A 1 -1.26 21.86 6.59
CA LEU A 1 -1.13 21.35 7.99
C LEU A 1 0.32 20.91 8.20
N ALA A 2 0.90 21.31 9.35
CA ALA A 2 2.25 20.92 9.70
C ALA A 2 2.20 20.12 10.99
N PRO A 3 2.00 18.78 11.00
CA PRO A 3 1.58 18.11 12.24
C PRO A 3 2.75 17.92 13.21
N ASN A 4 2.41 17.61 14.48
CA ASN A 4 3.42 17.67 15.53
C ASN A 4 4.16 16.33 15.70
N ASP A 5 4.01 15.34 14.81
CA ASP A 5 4.64 14.04 15.05
C ASP A 5 6.16 14.19 15.12
N PRO A 6 6.83 13.73 16.23
CA PRO A 6 8.28 13.95 16.39
C PRO A 6 9.19 13.68 15.19
N TYR A 7 9.00 12.59 14.45
CA TYR A 7 9.93 12.22 13.38
C TYR A 7 9.45 12.61 11.98
N TYR A 8 8.31 13.30 11.88
CA TYR A 8 7.71 13.70 10.60
C TYR A 8 8.64 14.60 9.80
N GLN A 9 9.10 15.69 10.42
CA GLN A 9 9.84 16.70 9.70
C GLN A 9 11.16 16.15 9.15
N GLN A 10 11.91 15.41 9.97
CA GLN A 10 13.25 15.03 9.54
C GLN A 10 13.17 13.81 8.61
N TYR A 11 12.21 12.92 8.82
CA TYR A 11 12.22 11.66 8.13
C TYR A 11 11.32 11.64 6.90
N GLN A 12 10.12 12.26 6.96
CA GLN A 12 9.05 11.89 6.02
C GLN A 12 9.00 12.72 4.75
N TRP A 13 10.08 12.63 3.95
CA TRP A 13 10.28 13.43 2.73
C TRP A 13 9.17 13.10 1.74
N HIS A 14 8.70 11.83 1.83
CA HIS A 14 7.74 11.29 0.88
C HIS A 14 6.40 12.01 1.10
N LEU A 15 6.22 12.60 2.29
CA LEU A 15 5.05 13.42 2.55
C LEU A 15 5.21 14.87 2.07
N HIS A 16 6.36 15.51 2.35
CA HIS A 16 6.45 16.96 2.30
C HIS A 16 7.58 17.48 1.41
N ASN A 17 8.49 16.66 0.86
CA ASN A 17 9.60 17.18 0.08
C ASN A 17 9.05 17.77 -1.23
N ALA A 18 9.62 18.90 -1.70
CA ALA A 18 9.06 19.62 -2.86
C ALA A 18 9.18 18.84 -4.16
N THR A 19 10.27 18.03 -4.30
CA THR A 19 10.55 17.35 -5.54
C THR A 19 10.12 15.88 -5.51
N GLY A 20 10.14 15.25 -4.33
CA GLY A 20 9.75 13.84 -4.32
C GLY A 20 8.52 13.52 -3.46
N GLY A 21 7.93 14.50 -2.74
CA GLY A 21 6.87 14.18 -1.79
C GLY A 21 5.52 14.33 -2.49
N ILE A 22 4.38 14.00 -1.83
CA ILE A 22 3.11 14.00 -2.53
C ILE A 22 2.25 15.21 -2.16
N ASN A 23 2.81 16.27 -1.55
CA ASN A 23 2.07 17.50 -1.30
C ASN A 23 0.98 17.26 -0.27
N ALA A 24 1.26 16.45 0.76
CA ALA A 24 0.33 16.13 1.83
C ALA A 24 0.02 17.35 2.71
N PRO A 25 0.97 18.27 3.06
CA PRO A 25 0.64 19.33 4.02
C PRO A 25 -0.59 20.14 3.57
N SER A 26 -0.61 20.40 2.28
CA SER A 26 -1.65 21.18 1.65
C SER A 26 -2.95 20.37 1.46
N ALA A 27 -2.80 19.09 1.08
CA ALA A 27 -3.98 18.25 0.98
C ALA A 27 -4.64 18.11 2.35
N TRP A 28 -3.85 18.10 3.43
CA TRP A 28 -4.40 17.85 4.76
C TRP A 28 -5.27 19.02 5.24
N ASP A 29 -5.12 20.21 4.61
CA ASP A 29 -5.97 21.33 4.92
C ASP A 29 -7.37 21.10 4.33
N VAL A 30 -7.54 20.20 3.34
CA VAL A 30 -8.84 19.96 2.69
C VAL A 30 -9.45 18.67 3.23
N SER A 31 -8.64 17.59 3.35
CA SER A 31 -9.20 16.29 3.66
C SER A 31 -8.18 15.44 4.38
N GLN A 32 -8.64 14.64 5.35
CA GLN A 32 -7.81 13.62 5.98
C GLN A 32 -8.35 12.19 5.76
N GLY A 33 -9.41 12.00 4.95
CA GLY A 33 -9.87 10.68 4.54
C GLY A 33 -10.94 10.12 5.49
N GLU A 34 -11.44 10.99 6.36
CA GLU A 34 -12.41 10.56 7.34
C GLU A 34 -13.57 9.86 6.64
N GLY A 35 -14.00 8.73 7.22
CA GLY A 35 -15.20 8.10 6.74
C GLY A 35 -14.97 7.04 5.66
N VAL A 36 -13.73 6.82 5.20
CA VAL A 36 -13.42 5.91 4.10
C VAL A 36 -12.61 4.72 4.67
N VAL A 37 -12.83 3.53 4.08
CA VAL A 37 -12.14 2.34 4.50
C VAL A 37 -11.21 1.92 3.36
N VAL A 38 -9.91 1.74 3.67
CA VAL A 38 -8.89 1.21 2.76
C VAL A 38 -8.54 -0.19 3.26
N ALA A 39 -8.72 -1.20 2.41
CA ALA A 39 -8.31 -2.55 2.71
C ALA A 39 -6.82 -2.73 2.35
N VAL A 40 -6.00 -3.24 3.30
CA VAL A 40 -4.58 -3.45 3.07
C VAL A 40 -4.32 -4.96 3.01
N LEU A 41 -4.06 -5.45 1.80
CA LEU A 41 -3.87 -6.89 1.60
C LEU A 41 -2.37 -7.12 1.63
N ASP A 42 -1.90 -7.75 2.71
CA ASP A 42 -0.46 -7.70 3.00
C ASP A 42 -0.13 -8.78 4.02
N THR A 43 1.03 -8.61 4.69
CA THR A 43 1.56 -9.57 5.66
C THR A 43 0.72 -9.60 6.95
N GLY A 44 -0.29 -8.73 7.09
CA GLY A 44 -1.06 -8.66 8.33
C GLY A 44 -0.67 -7.39 9.08
N ILE A 45 -0.87 -7.42 10.41
CA ILE A 45 -0.80 -6.18 11.15
C ILE A 45 -0.30 -6.39 12.58
N LEU A 46 0.36 -5.33 13.11
CA LEU A 46 0.59 -5.26 14.54
C LEU A 46 -0.51 -4.42 15.15
N PRO A 47 -1.63 -5.02 15.62
CA PRO A 47 -2.83 -4.23 15.93
C PRO A 47 -2.80 -3.26 17.10
N GLN A 48 -1.88 -3.48 18.04
CA GLN A 48 -1.72 -2.54 19.14
C GLN A 48 -0.57 -1.55 18.94
N HIS A 49 0.11 -1.51 17.78
CA HIS A 49 1.11 -0.45 17.60
C HIS A 49 0.51 0.88 18.06
N PRO A 50 1.15 1.63 18.98
CA PRO A 50 0.50 2.79 19.56
C PRO A 50 0.30 3.95 18.58
N ASP A 51 0.94 3.93 17.39
CA ASP A 51 0.75 5.01 16.43
C ASP A 51 -0.27 4.61 15.36
N LEU A 52 -0.84 3.39 15.51
CA LEU A 52 -1.84 2.90 14.57
C LEU A 52 -3.19 2.66 15.23
N VAL A 53 -3.13 2.16 16.46
CA VAL A 53 -4.31 1.71 17.15
C VAL A 53 -5.31 2.87 17.10
N GLY A 54 -6.56 2.57 16.83
CA GLY A 54 -7.34 3.79 16.77
C GLY A 54 -7.79 4.00 15.32
N ASN A 55 -6.95 3.61 14.32
CA ASN A 55 -7.34 3.71 12.91
C ASN A 55 -7.51 2.33 12.25
N LEU A 56 -7.54 1.26 13.03
CA LEU A 56 -7.53 -0.10 12.50
C LEU A 56 -8.89 -0.77 12.75
N LEU A 57 -9.43 -1.45 11.72
CA LEU A 57 -10.55 -2.38 11.93
C LEU A 57 -9.99 -3.76 12.23
N GLU A 58 -10.85 -4.72 12.65
CA GLU A 58 -10.35 -6.05 13.02
C GLU A 58 -9.77 -6.79 11.80
N GLY A 59 -10.46 -6.79 10.65
CA GLY A 59 -9.96 -7.46 9.44
C GLY A 59 -9.90 -8.98 9.59
N TYR A 60 -9.12 -9.62 8.72
CA TYR A 60 -9.26 -11.06 8.61
C TYR A 60 -7.96 -11.65 8.11
N ASP A 61 -7.74 -12.95 8.43
CA ASP A 61 -6.56 -13.68 7.99
C ASP A 61 -7.03 -14.72 6.98
N PHE A 62 -6.75 -14.46 5.69
CA PHE A 62 -7.17 -15.29 4.56
C PHE A 62 -6.17 -16.42 4.28
N ILE A 63 -5.01 -16.50 4.97
CA ILE A 63 -3.94 -17.47 4.62
C ILE A 63 -4.41 -18.87 4.96
N SER A 64 -4.56 -19.73 3.95
CA SER A 64 -5.17 -21.01 4.27
C SER A 64 -4.08 -22.10 4.37
N ASP A 65 -2.95 -21.86 5.05
CA ASP A 65 -1.88 -22.83 5.18
C ASP A 65 -1.13 -22.55 6.48
N ALA A 66 -1.20 -23.50 7.43
CA ALA A 66 -0.65 -23.24 8.75
C ALA A 66 0.85 -22.88 8.69
N GLU A 67 1.59 -23.50 7.75
CA GLU A 67 3.02 -23.28 7.72
C GLU A 67 3.34 -21.87 7.23
N THR A 68 2.39 -21.29 6.48
CA THR A 68 2.63 -19.97 5.89
C THR A 68 2.19 -18.91 6.90
N SER A 69 1.03 -19.15 7.52
CA SER A 69 0.44 -18.21 8.46
C SER A 69 1.11 -18.29 9.83
N ARG A 70 1.82 -19.40 10.10
CA ARG A 70 2.33 -19.75 11.44
C ARG A 70 1.21 -19.85 12.48
N ARG A 71 -0.02 -20.15 12.07
CA ARG A 71 -1.09 -20.39 13.01
C ARG A 71 -1.18 -21.90 13.30
N ALA A 72 -2.07 -22.33 14.23
CA ALA A 72 -2.19 -23.77 14.49
C ALA A 72 -2.99 -24.52 13.40
N THR A 73 -3.75 -23.85 12.50
CA THR A 73 -4.54 -24.60 11.52
C THR A 73 -4.44 -23.94 10.15
N ASN A 74 -4.99 -24.64 9.17
CA ASN A 74 -5.09 -24.18 7.81
C ASN A 74 -6.31 -23.31 7.64
N ASP A 75 -7.07 -22.99 8.70
CA ASP A 75 -8.27 -22.21 8.48
C ASP A 75 -7.92 -20.73 8.26
N ARG A 76 -8.88 -20.03 7.67
CA ARG A 76 -8.91 -18.58 7.63
C ARG A 76 -9.58 -18.16 8.92
N VAL A 77 -9.01 -17.15 9.59
CA VAL A 77 -9.58 -16.75 10.89
C VAL A 77 -9.85 -15.23 10.93
N PRO A 78 -10.77 -14.79 11.84
CA PRO A 78 -10.90 -13.37 12.17
C PRO A 78 -9.61 -12.71 12.67
N GLY A 79 -9.47 -11.37 12.44
CA GLY A 79 -8.27 -10.63 12.85
C GLY A 79 -7.13 -10.83 11.87
N ALA A 80 -6.12 -9.92 11.92
CA ALA A 80 -5.07 -9.89 10.92
C ALA A 80 -3.67 -9.92 11.54
N GLN A 81 -3.55 -10.42 12.79
CA GLN A 81 -2.27 -10.34 13.51
C GLN A 81 -1.19 -10.91 12.60
N ASP A 82 -0.10 -10.15 12.43
CA ASP A 82 1.07 -10.67 11.75
C ASP A 82 1.86 -11.58 12.73
N TYR A 83 2.12 -12.86 12.36
CA TYR A 83 2.86 -13.76 13.23
C TYR A 83 4.35 -13.72 12.93
N GLY A 84 4.74 -12.99 11.88
CA GLY A 84 6.10 -12.89 11.41
C GLY A 84 6.34 -13.75 10.17
N ASP A 85 6.94 -13.15 9.16
CA ASP A 85 7.21 -13.84 7.90
C ASP A 85 8.71 -14.15 7.73
N TRP A 86 9.50 -14.18 8.84
CA TRP A 86 10.92 -14.50 8.74
C TRP A 86 11.13 -15.88 8.12
N VAL A 87 12.28 -16.03 7.49
CA VAL A 87 12.65 -17.32 6.93
C VAL A 87 14.06 -17.59 7.41
N GLU A 88 14.22 -18.66 8.19
CA GLU A 88 15.47 -18.94 8.87
C GLU A 88 16.63 -19.29 7.93
N ASN A 89 16.38 -20.02 6.85
CA ASN A 89 17.49 -20.57 6.11
C ASN A 89 17.39 -20.12 4.66
N ASP A 90 18.56 -19.98 4.00
CA ASP A 90 18.52 -19.73 2.57
C ASP A 90 17.85 -20.92 1.91
N ASN A 91 17.26 -20.69 0.72
CA ASN A 91 16.69 -21.74 -0.12
C ASN A 91 15.39 -22.32 0.44
N GLU A 92 14.92 -21.87 1.61
CA GLU A 92 13.67 -22.42 2.07
C GLU A 92 12.53 -22.04 1.14
N CYS A 93 12.54 -20.88 0.50
CA CYS A 93 11.35 -20.43 -0.23
C CYS A 93 11.41 -20.92 -1.67
N TYR A 94 12.61 -20.90 -2.23
CA TYR A 94 12.86 -21.42 -3.56
C TYR A 94 14.37 -21.50 -3.70
N THR A 95 14.81 -22.29 -4.67
CA THR A 95 16.24 -22.37 -4.98
C THR A 95 16.77 -20.97 -5.27
N GLY A 96 17.74 -20.52 -4.45
CA GLY A 96 18.28 -19.15 -4.57
C GLY A 96 17.70 -18.15 -3.57
N SER A 97 16.67 -18.53 -2.79
CA SER A 97 16.08 -17.53 -1.90
C SER A 97 17.01 -17.29 -0.71
N VAL A 98 16.84 -16.15 -0.02
CA VAL A 98 17.77 -15.78 1.02
C VAL A 98 17.08 -15.65 2.38
N ALA A 99 17.73 -16.14 3.46
CA ALA A 99 17.14 -16.02 4.79
C ALA A 99 16.86 -14.53 5.07
N GLU A 100 15.82 -14.20 5.86
CA GLU A 100 15.62 -12.82 6.29
C GLU A 100 14.76 -12.75 7.57
N ASP A 101 14.83 -11.58 8.22
CA ASP A 101 14.07 -11.31 9.41
C ASP A 101 12.61 -11.06 9.04
N SER A 102 11.73 -11.10 10.02
CA SER A 102 10.36 -10.66 9.75
C SER A 102 10.33 -9.26 9.12
N SER A 103 9.41 -9.01 8.16
CA SER A 103 9.36 -7.68 7.54
C SER A 103 8.48 -6.69 8.30
N TRP A 104 7.42 -7.15 9.01
CA TRP A 104 6.32 -6.26 9.44
C TRP A 104 5.78 -5.36 8.29
N HIS A 105 5.78 -5.90 7.06
CA HIS A 105 5.57 -5.13 5.85
C HIS A 105 4.16 -4.53 5.85
N GLY A 106 3.16 -5.29 6.34
CA GLY A 106 1.82 -4.75 6.23
C GLY A 106 1.59 -3.65 7.25
N THR A 107 2.30 -3.70 8.40
CA THR A 107 2.16 -2.59 9.36
C THR A 107 2.77 -1.31 8.73
N HIS A 108 3.91 -1.44 8.00
CA HIS A 108 4.54 -0.33 7.30
C HIS A 108 3.57 0.32 6.29
N VAL A 109 3.05 -0.53 5.42
CA VAL A 109 2.07 -0.12 4.42
C VAL A 109 0.84 0.53 5.07
N ALA A 110 0.28 -0.11 6.09
CA ALA A 110 -0.89 0.40 6.79
C ALA A 110 -0.57 1.80 7.38
N GLY A 111 0.64 2.00 7.96
CA GLY A 111 1.09 3.32 8.39
C GLY A 111 1.05 4.42 7.30
N THR A 112 1.60 4.15 6.12
CA THR A 112 1.52 5.06 4.99
C THR A 112 0.07 5.48 4.84
N VAL A 113 -0.84 4.48 4.91
CA VAL A 113 -2.23 4.73 4.59
C VAL A 113 -2.87 5.67 5.63
N ALA A 114 -2.66 5.37 6.93
CA ALA A 114 -3.47 5.92 8.03
C ALA A 114 -2.77 5.95 9.38
N GLU A 115 -1.43 6.01 9.40
CA GLU A 115 -0.75 6.22 10.67
C GLU A 115 -1.31 7.44 11.39
N GLN A 116 -1.65 7.31 12.70
CA GLN A 116 -2.15 8.45 13.48
C GLN A 116 -1.19 9.64 13.41
N THR A 117 -1.77 10.84 13.23
CA THR A 117 -1.03 12.01 12.83
C THR A 117 -1.43 13.19 13.73
N ASN A 118 -0.47 14.09 13.93
CA ASN A 118 -0.70 15.22 14.80
C ASN A 118 -1.02 14.74 16.22
N ASN A 119 -0.52 13.55 16.63
CA ASN A 119 -0.80 12.96 17.93
C ASN A 119 0.45 12.98 18.84
N GLY A 120 1.50 13.72 18.49
CA GLY A 120 2.63 13.79 19.43
C GLY A 120 3.42 12.47 19.56
N VAL A 121 3.26 11.52 18.61
CA VAL A 121 3.89 10.21 18.71
C VAL A 121 4.46 9.84 17.34
N GLY A 122 5.73 9.47 17.22
CA GLY A 122 6.18 8.78 16.00
C GLY A 122 6.12 9.57 14.69
N MET A 123 5.39 9.02 13.69
CA MET A 123 5.41 9.52 12.33
C MET A 123 3.98 9.90 11.94
N ALA A 124 3.76 10.38 10.71
CA ALA A 124 2.44 10.72 10.17
C ALA A 124 2.02 9.69 9.13
N GLY A 125 0.75 9.74 8.73
CA GLY A 125 0.24 9.00 7.58
C GLY A 125 -0.62 9.91 6.70
N VAL A 126 -0.95 9.42 5.50
CA VAL A 126 -1.63 10.20 4.47
C VAL A 126 -3.13 10.40 4.83
N ALA A 127 -3.96 9.35 4.80
CA ALA A 127 -5.39 9.35 5.05
C ALA A 127 -5.58 9.08 6.54
N HIS A 128 -5.11 10.01 7.37
CA HIS A 128 -4.97 9.72 8.79
C HIS A 128 -6.30 9.80 9.57
N LYS A 129 -7.43 10.09 8.89
CA LYS A 129 -8.71 9.87 9.54
C LYS A 129 -9.54 8.73 8.92
N ALA A 130 -8.96 8.06 7.89
CA ALA A 130 -9.57 6.85 7.35
C ALA A 130 -9.37 5.71 8.34
N LYS A 131 -10.06 4.59 8.07
CA LYS A 131 -9.83 3.32 8.74
C LYS A 131 -9.11 2.38 7.78
N VAL A 132 -8.09 1.66 8.28
CA VAL A 132 -7.51 0.50 7.56
C VAL A 132 -8.27 -0.78 7.96
N LEU A 133 -8.76 -1.52 6.97
CA LEU A 133 -9.19 -2.90 7.11
C LEU A 133 -7.99 -3.77 6.74
N PRO A 134 -7.29 -4.39 7.72
CA PRO A 134 -6.13 -5.23 7.39
C PRO A 134 -6.61 -6.61 6.96
N VAL A 135 -6.12 -7.08 5.82
CA VAL A 135 -6.45 -8.42 5.41
C VAL A 135 -5.14 -9.16 5.14
N ARG A 136 -4.82 -10.16 5.99
CA ARG A 136 -3.56 -10.87 5.91
C ARG A 136 -3.65 -11.93 4.80
N VAL A 137 -2.80 -11.82 3.75
CA VAL A 137 -2.76 -12.82 2.69
C VAL A 137 -1.32 -13.35 2.52
N LEU A 138 -0.32 -12.67 3.14
CA LEU A 138 1.09 -13.01 2.91
C LEU A 138 1.69 -13.50 4.22
N GLY A 139 2.42 -14.62 4.19
CA GLY A 139 3.16 -15.07 5.36
C GLY A 139 4.57 -15.56 4.99
N LYS A 140 5.01 -16.65 5.65
CA LYS A 140 6.33 -17.18 5.45
C LYS A 140 6.43 -17.53 3.95
N CYS A 141 7.36 -16.89 3.23
CA CYS A 141 7.67 -17.25 1.86
C CYS A 141 6.55 -16.70 0.99
N GLY A 142 5.69 -15.84 1.57
CA GLY A 142 4.71 -15.16 0.74
C GLY A 142 3.28 -15.70 0.92
N GLY A 143 2.55 -15.82 -0.19
CA GLY A 143 1.13 -16.19 -0.10
C GLY A 143 0.63 -16.91 -1.37
N TYR A 144 -0.68 -17.21 -1.43
CA TYR A 144 -1.27 -18.03 -2.47
C TYR A 144 -2.29 -17.22 -3.24
N LEU A 145 -2.31 -17.49 -4.54
CA LEU A 145 -3.15 -16.76 -5.47
C LEU A 145 -4.58 -16.79 -4.96
N SER A 146 -5.03 -17.96 -4.51
CA SER A 146 -6.47 -18.05 -4.31
C SER A 146 -6.87 -17.46 -2.95
N ASP A 147 -5.90 -17.32 -2.03
CA ASP A 147 -6.16 -16.56 -0.83
C ASP A 147 -6.22 -15.07 -1.19
N ILE A 148 -5.29 -14.60 -2.04
CA ILE A 148 -5.26 -13.21 -2.41
C ILE A 148 -6.57 -12.88 -3.19
N ALA A 149 -6.97 -13.76 -4.14
CA ALA A 149 -8.21 -13.58 -4.90
C ALA A 149 -9.46 -13.41 -4.01
N ASP A 150 -9.61 -14.33 -3.05
CA ASP A 150 -10.74 -14.32 -2.13
C ASP A 150 -10.74 -13.06 -1.25
N ALA A 151 -9.56 -12.72 -0.74
CA ALA A 151 -9.41 -11.51 0.08
C ALA A 151 -9.89 -10.28 -0.69
N ILE A 152 -9.57 -10.21 -1.98
CA ILE A 152 -10.05 -9.09 -2.80
C ILE A 152 -11.57 -9.09 -2.76
N THR A 153 -12.18 -10.25 -3.07
CA THR A 153 -13.64 -10.33 -3.12
C THR A 153 -14.25 -9.80 -1.80
N TRP A 154 -13.72 -10.33 -0.68
CA TRP A 154 -14.27 -10.03 0.62
C TRP A 154 -14.03 -8.55 1.00
N ALA A 155 -12.79 -8.08 0.78
CA ALA A 155 -12.46 -6.72 1.13
C ALA A 155 -13.42 -5.74 0.43
N SER A 156 -13.79 -6.05 -0.84
CA SER A 156 -14.66 -5.14 -1.58
C SER A 156 -16.13 -5.42 -1.31
N GLY A 157 -16.44 -6.32 -0.36
CA GLY A 157 -17.85 -6.49 0.02
C GLY A 157 -18.53 -7.64 -0.73
N GLY A 158 -17.78 -8.44 -1.51
CA GLY A 158 -18.42 -9.64 -2.09
C GLY A 158 -18.44 -10.82 -1.07
N THR A 159 -19.01 -11.98 -1.45
CA THR A 159 -19.24 -13.08 -0.52
C THR A 159 -18.19 -14.14 -0.76
N VAL A 160 -17.62 -14.70 0.32
CA VAL A 160 -16.64 -15.76 0.20
C VAL A 160 -17.14 -16.86 1.11
N ALA A 161 -17.30 -18.08 0.55
CA ALA A 161 -17.69 -19.23 1.37
C ALA A 161 -16.76 -19.41 2.56
N GLY A 162 -17.33 -19.62 3.76
CA GLY A 162 -16.55 -19.84 4.98
C GLY A 162 -16.15 -18.54 5.68
N VAL A 163 -16.45 -17.36 5.08
CA VAL A 163 -16.07 -16.13 5.76
C VAL A 163 -17.35 -15.32 6.06
N PRO A 164 -17.60 -14.81 7.28
CA PRO A 164 -18.82 -14.01 7.53
C PRO A 164 -18.75 -12.75 6.68
N ALA A 165 -19.92 -12.18 6.34
CA ALA A 165 -20.05 -11.04 5.46
C ALA A 165 -19.20 -9.88 6.00
N ASN A 166 -18.56 -9.15 5.09
CA ASN A 166 -17.75 -8.02 5.51
C ASN A 166 -18.65 -6.84 5.88
N ALA A 167 -18.65 -6.45 7.18
CA ALA A 167 -19.48 -5.32 7.62
C ALA A 167 -18.83 -4.02 7.17
N ASN A 168 -17.58 -3.99 6.68
CA ASN A 168 -16.98 -2.71 6.28
C ASN A 168 -16.39 -2.75 4.86
N PRO A 169 -17.24 -2.82 3.81
CA PRO A 169 -16.71 -2.94 2.44
C PRO A 169 -15.77 -1.77 2.16
N ALA A 170 -14.66 -2.02 1.44
CA ALA A 170 -13.61 -0.99 1.31
C ALA A 170 -13.84 -0.14 0.06
N GLU A 171 -13.71 1.19 0.17
CA GLU A 171 -13.69 2.06 -1.03
C GLU A 171 -12.42 1.82 -1.88
N VAL A 172 -11.32 1.37 -1.26
CA VAL A 172 -10.05 1.23 -1.95
C VAL A 172 -9.37 -0.02 -1.42
N ILE A 173 -8.73 -0.76 -2.32
CA ILE A 173 -7.89 -1.90 -1.98
C ILE A 173 -6.43 -1.53 -2.31
N ASN A 174 -5.50 -1.80 -1.36
CA ASN A 174 -4.08 -1.70 -1.69
C ASN A 174 -3.46 -3.08 -1.70
N MET A 175 -2.72 -3.34 -2.80
CA MET A 175 -1.94 -4.56 -2.96
C MET A 175 -0.47 -4.22 -3.20
N SER A 176 0.30 -4.23 -2.08
CA SER A 176 1.73 -3.95 -2.18
C SER A 176 2.45 -5.30 -2.25
N LEU A 177 2.23 -5.99 -3.34
CA LEU A 177 2.62 -7.38 -3.53
C LEU A 177 2.52 -7.73 -5.00
N GLY A 178 3.24 -8.77 -5.44
CA GLY A 178 3.02 -9.33 -6.76
C GLY A 178 3.77 -10.63 -6.97
N GLY A 179 3.75 -11.09 -8.22
CA GLY A 179 4.47 -12.26 -8.63
C GLY A 179 4.72 -12.20 -10.13
N SER A 180 5.51 -13.17 -10.61
CA SER A 180 5.80 -13.43 -12.02
C SER A 180 4.56 -13.82 -12.78
N GLY A 181 4.43 -13.28 -13.98
CA GLY A 181 3.44 -13.76 -14.92
C GLY A 181 2.47 -12.63 -15.22
N SER A 182 2.03 -12.57 -16.47
CA SER A 182 1.03 -11.57 -16.80
C SER A 182 -0.33 -11.96 -16.15
N CYS A 183 -1.33 -11.07 -16.09
CA CYS A 183 -2.49 -11.31 -15.22
C CYS A 183 -3.20 -12.61 -15.66
N ASP A 184 -3.58 -13.48 -14.74
CA ASP A 184 -4.35 -14.67 -15.10
C ASP A 184 -5.85 -14.39 -14.96
N GLY A 185 -6.74 -15.27 -15.49
CA GLY A 185 -8.19 -15.26 -15.26
C GLY A 185 -8.67 -15.18 -13.78
N THR A 186 -8.06 -15.90 -12.80
CA THR A 186 -8.47 -15.81 -11.40
C THR A 186 -8.28 -14.41 -10.81
N TYR A 187 -7.07 -13.87 -10.91
CA TYR A 187 -6.85 -12.51 -10.42
C TYR A 187 -7.83 -11.54 -11.10
N GLN A 188 -7.88 -11.55 -12.44
CA GLN A 188 -8.69 -10.59 -13.20
C GLN A 188 -10.16 -10.71 -12.77
N ASP A 189 -10.71 -11.95 -12.58
CA ASP A 189 -12.10 -12.06 -12.17
C ASP A 189 -12.31 -11.40 -10.82
N ALA A 190 -11.35 -11.64 -9.89
CA ALA A 190 -11.51 -11.11 -8.55
C ALA A 190 -11.48 -9.60 -8.63
N ILE A 191 -10.49 -9.06 -9.38
CA ILE A 191 -10.38 -7.63 -9.59
C ILE A 191 -11.66 -7.05 -10.19
N ASN A 192 -12.11 -7.67 -11.29
CA ASN A 192 -13.40 -7.32 -11.90
C ASN A 192 -14.54 -7.29 -10.88
N GLY A 193 -14.61 -8.27 -9.95
CA GLY A 193 -15.70 -8.24 -8.98
C GLY A 193 -15.61 -6.99 -8.11
N ALA A 194 -14.37 -6.66 -7.67
CA ALA A 194 -14.14 -5.52 -6.77
C ALA A 194 -14.55 -4.21 -7.48
N ILE A 195 -14.12 -4.08 -8.74
CA ILE A 195 -14.47 -2.86 -9.48
C ILE A 195 -16.01 -2.74 -9.61
N SER A 196 -16.70 -3.84 -9.90
CA SER A 196 -18.15 -3.84 -10.12
C SER A 196 -18.84 -3.46 -8.81
N ARG A 197 -18.15 -3.56 -7.66
CA ARG A 197 -18.73 -3.18 -6.38
C ARG A 197 -18.38 -1.74 -6.03
N GLY A 198 -17.64 -1.04 -6.90
CA GLY A 198 -17.33 0.37 -6.65
C GLY A 198 -15.92 0.58 -6.07
N THR A 199 -15.17 -0.50 -5.85
CA THR A 199 -13.87 -0.41 -5.18
C THR A 199 -12.73 -0.10 -6.17
N THR A 200 -11.88 0.90 -5.80
CA THR A 200 -10.64 1.21 -6.54
C THR A 200 -9.51 0.29 -6.07
N VAL A 201 -8.80 -0.39 -7.02
CA VAL A 201 -7.75 -1.33 -6.64
C VAL A 201 -6.42 -0.72 -7.07
N VAL A 202 -5.49 -0.51 -6.14
CA VAL A 202 -4.20 0.15 -6.42
C VAL A 202 -3.10 -0.89 -6.10
N VAL A 203 -2.10 -1.03 -7.02
CA VAL A 203 -1.11 -2.09 -6.86
C VAL A 203 0.27 -1.54 -7.15
N ALA A 204 1.25 -2.18 -6.51
CA ALA A 204 2.65 -1.91 -6.74
C ALA A 204 3.06 -2.49 -8.10
N ALA A 205 3.88 -1.74 -8.87
CA ALA A 205 4.35 -2.15 -10.20
C ALA A 205 5.33 -3.33 -10.11
N GLY A 206 6.05 -3.46 -8.97
CA GLY A 206 7.14 -4.43 -8.84
C GLY A 206 8.52 -3.79 -8.99
N ASN A 207 9.53 -4.50 -8.48
CA ASN A 207 10.84 -3.96 -8.17
C ASN A 207 11.91 -4.71 -8.97
N GLU A 208 11.62 -5.26 -10.16
CA GLU A 208 12.57 -6.10 -10.89
C GLU A 208 13.33 -5.29 -11.97
N THR A 209 13.32 -3.96 -11.89
CA THR A 209 13.82 -3.13 -13.01
C THR A 209 13.38 -3.74 -14.35
N ASP A 210 12.06 -4.00 -14.52
CA ASP A 210 11.64 -4.80 -15.65
C ASP A 210 10.27 -4.27 -16.12
N ASN A 211 9.73 -4.84 -17.23
CA ASN A 211 8.42 -4.45 -17.73
C ASN A 211 7.29 -4.98 -16.80
N ALA A 212 6.50 -4.04 -16.28
CA ALA A 212 5.37 -4.38 -15.40
C ALA A 212 4.42 -5.37 -16.08
N SER A 213 4.39 -5.44 -17.42
CA SER A 213 3.40 -6.30 -18.11
C SER A 213 3.69 -7.78 -17.82
N LYS A 214 4.87 -8.04 -17.20
CA LYS A 214 5.32 -9.39 -16.93
C LYS A 214 4.98 -9.81 -15.51
N TYR A 215 4.27 -9.00 -14.76
CA TYR A 215 4.05 -9.31 -13.34
C TYR A 215 2.56 -9.12 -13.06
N ARG A 216 2.11 -9.60 -11.89
CA ARG A 216 0.69 -9.55 -11.50
C ARG A 216 0.59 -9.33 -10.00
N PRO A 217 -0.33 -8.51 -9.48
CA PRO A 217 -1.35 -7.85 -10.29
C PRO A 217 -1.01 -6.56 -11.03
N ALA A 218 0.30 -6.23 -11.13
CA ALA A 218 0.74 -5.07 -11.91
C ALA A 218 0.10 -4.97 -13.27
N SER A 219 0.04 -6.10 -14.03
CA SER A 219 -0.32 -6.09 -15.45
C SER A 219 -1.84 -6.32 -15.62
N CYS A 220 -2.60 -6.45 -14.53
CA CYS A 220 -4.02 -6.75 -14.63
C CYS A 220 -4.79 -5.54 -15.22
N ASP A 221 -5.90 -5.81 -15.92
CA ASP A 221 -6.72 -4.74 -16.43
C ASP A 221 -7.44 -4.09 -15.26
N GLY A 222 -7.68 -2.77 -15.39
CA GLY A 222 -8.55 -2.12 -14.41
C GLY A 222 -7.91 -1.66 -13.11
N VAL A 223 -6.63 -1.92 -12.85
CA VAL A 223 -6.05 -1.46 -11.58
C VAL A 223 -5.20 -0.21 -11.82
N VAL A 224 -4.80 0.47 -10.72
CA VAL A 224 -3.91 1.61 -10.76
C VAL A 224 -2.54 1.04 -10.41
N THR A 225 -1.67 0.92 -11.43
CA THR A 225 -0.35 0.33 -11.26
C THR A 225 0.66 1.45 -10.95
N VAL A 226 1.43 1.31 -9.84
CA VAL A 226 2.19 2.44 -9.29
C VAL A 226 3.69 2.14 -9.30
N GLY A 227 4.44 2.95 -10.08
CA GLY A 227 5.90 2.98 -10.10
C GLY A 227 6.50 3.67 -8.87
N ALA A 228 7.84 3.65 -8.80
CA ALA A 228 8.51 4.19 -7.62
C ALA A 228 9.50 5.29 -8.00
N THR A 229 9.40 6.45 -7.31
CA THR A 229 10.34 7.55 -7.50
C THR A 229 11.19 7.78 -6.24
N ARG A 230 12.28 8.55 -6.46
CA ARG A 230 13.24 8.97 -5.45
C ARG A 230 12.80 10.31 -4.86
N ILE A 231 13.43 10.63 -3.72
CA ILE A 231 13.38 11.99 -3.17
C ILE A 231 13.69 13.05 -4.24
N THR A 232 14.54 12.77 -5.24
CA THR A 232 14.86 13.73 -6.30
C THR A 232 13.71 13.89 -7.31
N GLY A 233 12.67 13.03 -7.26
CA GLY A 233 11.62 12.98 -8.28
C GLY A 233 11.97 12.09 -9.49
N GLY A 234 13.16 11.47 -9.53
CA GLY A 234 13.55 10.57 -10.62
C GLY A 234 13.14 9.13 -10.36
N ILE A 235 13.23 8.25 -11.39
CA ILE A 235 12.98 6.82 -11.23
C ILE A 235 13.97 6.16 -10.23
N THR A 236 13.48 5.18 -9.41
CA THR A 236 14.35 4.49 -8.49
C THR A 236 15.10 3.42 -9.30
N TYR A 237 16.15 2.80 -8.72
CA TYR A 237 16.92 1.87 -9.53
C TYR A 237 16.08 0.61 -9.82
N TYR A 238 15.06 0.33 -8.96
CA TYR A 238 14.40 -0.98 -8.98
C TYR A 238 13.02 -0.96 -9.64
N SER A 239 12.46 0.24 -9.89
CA SER A 239 11.05 0.35 -10.29
C SER A 239 10.80 -0.43 -11.57
N ASN A 240 9.72 -1.23 -11.62
CA ASN A 240 9.27 -1.73 -12.91
C ASN A 240 8.76 -0.55 -13.75
N TYR A 241 8.53 -0.79 -15.06
CA TYR A 241 8.18 0.32 -15.93
C TYR A 241 7.28 -0.22 -17.07
N GLY A 242 6.89 0.65 -18.01
CA GLY A 242 6.19 0.21 -19.21
C GLY A 242 4.82 0.90 -19.31
N SER A 243 4.12 0.67 -20.44
CA SER A 243 2.86 1.34 -20.66
C SER A 243 1.79 0.94 -19.63
N ARG A 244 1.96 -0.16 -18.86
CA ARG A 244 0.97 -0.51 -17.84
C ARG A 244 1.06 0.38 -16.58
N VAL A 245 2.22 0.99 -16.29
CA VAL A 245 2.37 1.91 -15.16
C VAL A 245 1.60 3.23 -15.43
N ASP A 246 0.63 3.51 -14.57
CA ASP A 246 -0.23 4.67 -14.65
C ASP A 246 0.43 5.96 -14.15
N LEU A 247 1.17 5.90 -13.00
CA LEU A 247 1.76 7.05 -12.35
C LEU A 247 2.68 6.46 -11.29
N SER A 248 3.38 7.33 -10.54
CA SER A 248 4.34 6.86 -9.54
C SER A 248 4.02 7.45 -8.16
N GLY A 249 4.64 6.88 -7.13
CA GLY A 249 4.60 7.50 -5.82
C GLY A 249 5.99 7.38 -5.23
N PRO A 250 6.28 8.05 -4.09
CA PRO A 250 7.60 7.87 -3.47
C PRO A 250 7.78 6.43 -2.97
N GLY A 251 8.77 5.72 -3.55
CA GLY A 251 9.21 4.39 -3.10
C GLY A 251 10.54 4.42 -2.30
N GLY A 252 11.39 5.46 -2.46
CA GLY A 252 12.70 5.57 -1.82
C GLY A 252 13.77 5.06 -2.77
N GLY A 253 14.76 5.89 -3.13
CA GLY A 253 15.82 5.41 -4.01
C GLY A 253 16.83 4.40 -3.42
N GLY A 254 16.79 4.09 -2.11
CA GLY A 254 17.78 3.18 -1.55
C GLY A 254 19.06 3.92 -1.12
N SER A 255 20.18 3.18 -0.90
CA SER A 255 21.36 3.79 -0.25
C SER A 255 21.90 4.99 -1.04
N VAL A 256 21.74 4.99 -2.37
CA VAL A 256 22.25 6.12 -3.11
C VAL A 256 21.72 7.45 -2.56
N ASP A 257 20.55 7.48 -1.92
CA ASP A 257 19.99 8.75 -1.43
C ASP A 257 20.15 8.92 0.09
N GLY A 258 20.80 7.95 0.72
CA GLY A 258 21.23 8.05 2.11
C GLY A 258 20.09 7.72 3.06
N ASN A 259 20.33 8.08 4.31
CA ASN A 259 19.43 7.91 5.44
C ASN A 259 19.13 9.31 5.96
N PRO A 260 17.91 9.89 5.97
CA PRO A 260 16.65 9.19 5.70
C PRO A 260 16.11 9.19 4.24
N GLY A 261 16.78 9.95 3.33
CA GLY A 261 16.20 10.27 2.02
C GLY A 261 16.02 9.09 1.03
N GLY A 262 16.61 7.94 1.33
CA GLY A 262 16.54 6.75 0.47
C GLY A 262 15.31 5.86 0.77
N TYR A 263 14.50 6.19 1.82
CA TYR A 263 13.59 5.20 2.43
C TYR A 263 12.29 5.88 2.75
N VAL A 264 11.18 5.12 2.76
CA VAL A 264 9.93 5.62 3.32
C VAL A 264 9.77 5.17 4.80
N TRP A 265 9.29 6.07 5.66
CA TRP A 265 9.35 5.81 7.11
C TRP A 265 7.94 5.68 7.71
N GLN A 266 7.63 4.58 8.45
CA GLN A 266 6.36 4.51 9.16
C GLN A 266 6.48 3.50 10.30
N SER A 267 5.34 3.30 11.02
CA SER A 267 5.12 2.22 12.01
C SER A 267 5.65 0.85 11.57
N GLY A 268 6.33 0.15 12.53
CA GLY A 268 6.83 -1.20 12.37
C GLY A 268 7.27 -1.79 13.70
N SER A 269 8.19 -2.77 13.64
CA SER A 269 8.76 -3.37 14.83
C SER A 269 10.22 -3.66 14.48
N ASP A 270 11.07 -3.78 15.50
CA ASP A 270 12.40 -4.33 15.22
C ASP A 270 12.45 -5.84 15.48
N ALA A 271 11.31 -6.47 15.81
CA ALA A 271 11.32 -7.92 16.02
C ALA A 271 11.91 -8.73 14.86
N ALA A 272 12.86 -9.66 15.15
CA ALA A 272 13.48 -10.48 14.11
C ALA A 272 12.60 -11.68 13.64
N THR A 273 11.90 -12.34 14.57
CA THR A 273 11.04 -13.48 14.28
C THR A 273 9.60 -13.16 14.69
N THR A 274 9.11 -13.68 15.81
CA THR A 274 7.75 -13.44 16.31
C THR A 274 7.62 -11.99 16.77
N PRO A 275 6.39 -11.47 16.91
CA PRO A 275 6.18 -10.11 17.47
C PRO A 275 6.89 -9.92 18.79
N GLU A 276 6.84 -10.97 19.62
CA GLU A 276 7.40 -10.96 20.98
C GLU A 276 8.92 -10.85 20.99
N SER A 277 9.59 -11.25 19.91
CA SER A 277 11.05 -11.14 19.88
C SER A 277 11.51 -9.66 19.75
N GLY A 278 10.60 -8.67 19.63
CA GLY A 278 11.07 -7.28 19.56
C GLY A 278 10.03 -6.29 20.07
N SER A 279 10.13 -5.02 19.65
CA SER A 279 9.23 -3.99 20.22
C SER A 279 8.72 -3.04 19.11
N TYR A 280 7.63 -2.29 19.38
CA TYR A 280 7.13 -1.32 18.41
C TYR A 280 8.21 -0.30 18.11
N SER A 281 8.25 0.14 16.84
CA SER A 281 9.29 1.07 16.38
C SER A 281 8.77 1.77 15.13
N TYR A 282 9.71 2.44 14.45
CA TYR A 282 9.49 3.07 13.16
C TYR A 282 10.59 2.58 12.24
N MET A 283 10.26 2.10 11.04
CA MET A 283 11.24 1.44 10.17
C MET A 283 11.32 2.23 8.87
N GLY A 284 12.43 2.10 8.18
CA GLY A 284 12.49 2.75 6.88
C GLY A 284 12.64 1.68 5.82
N MET A 285 11.80 1.71 4.77
CA MET A 285 11.85 0.68 3.74
C MET A 285 11.78 1.36 2.36
N GLY A 286 12.28 0.67 1.34
CA GLY A 286 12.16 1.09 -0.05
C GLY A 286 11.36 0.06 -0.87
N GLY A 287 10.59 0.50 -1.89
CA GLY A 287 9.99 -0.41 -2.86
C GLY A 287 8.76 0.24 -3.49
N THR A 288 8.28 -0.34 -4.61
CA THR A 288 6.99 0.08 -5.18
C THR A 288 5.90 -0.21 -4.15
N SER A 289 6.21 -1.12 -3.19
CA SER A 289 5.26 -1.42 -2.11
C SER A 289 4.96 -0.18 -1.25
N MET A 290 5.95 0.72 -1.18
CA MET A 290 5.83 1.92 -0.36
C MET A 290 5.15 3.00 -1.16
N ALA A 291 5.30 2.95 -2.51
CA ALA A 291 4.75 4.00 -3.37
C ALA A 291 3.21 3.81 -3.46
N SER A 292 2.80 2.56 -3.68
CA SER A 292 1.40 2.19 -3.88
C SER A 292 0.46 2.75 -2.79
N PRO A 293 0.72 2.53 -1.46
CA PRO A 293 -0.14 3.12 -0.42
C PRO A 293 -0.26 4.63 -0.40
N HIS A 294 0.77 5.31 -0.93
CA HIS A 294 0.60 6.76 -1.01
C HIS A 294 -0.56 7.09 -1.98
N VAL A 295 -0.59 6.37 -3.13
CA VAL A 295 -1.63 6.59 -4.13
C VAL A 295 -2.98 6.14 -3.56
N ALA A 296 -2.99 4.92 -2.93
CA ALA A 296 -4.21 4.38 -2.38
C ALA A 296 -4.74 5.35 -1.32
N ALA A 297 -3.87 5.93 -0.50
CA ALA A 297 -4.36 6.89 0.47
C ALA A 297 -4.89 8.19 -0.17
N VAL A 298 -4.23 8.70 -1.21
CA VAL A 298 -4.81 9.82 -1.95
C VAL A 298 -6.22 9.58 -2.53
N ALA A 299 -6.43 8.39 -3.10
CA ALA A 299 -7.77 7.98 -3.49
C ALA A 299 -8.71 8.10 -2.29
N ALA A 300 -8.24 7.71 -1.09
CA ALA A 300 -9.11 7.80 0.08
C ALA A 300 -9.47 9.27 0.43
N LEU A 301 -8.48 10.21 0.31
CA LEU A 301 -8.63 11.62 0.68
C LEU A 301 -9.76 12.17 -0.20
N VAL A 302 -9.76 11.75 -1.48
CA VAL A 302 -10.65 12.30 -2.49
C VAL A 302 -12.08 11.77 -2.26
N GLN A 303 -12.26 10.45 -2.07
CA GLN A 303 -13.58 9.92 -1.78
C GLN A 303 -14.19 10.65 -0.55
N SER A 304 -13.40 10.82 0.49
CA SER A 304 -13.79 11.49 1.73
C SER A 304 -14.17 12.94 1.46
N ALA A 305 -13.39 13.66 0.66
CA ALA A 305 -13.73 15.04 0.43
C ALA A 305 -15.07 15.15 -0.28
N LEU A 306 -15.31 14.26 -1.28
CA LEU A 306 -16.52 14.31 -2.12
C LEU A 306 -17.75 14.07 -1.25
N ILE A 307 -17.72 13.05 -0.41
CA ILE A 307 -18.77 12.73 0.53
C ILE A 307 -18.98 13.90 1.51
N ALA A 308 -17.90 14.39 2.14
CA ALA A 308 -18.04 15.55 3.02
C ALA A 308 -18.80 16.71 2.34
N LYS A 309 -18.67 16.86 1.03
CA LYS A 309 -19.35 17.94 0.32
C LYS A 309 -20.70 17.48 -0.23
N GLY A 310 -21.12 16.26 0.07
CA GLY A 310 -22.39 15.71 -0.38
C GLY A 310 -22.35 15.32 -1.84
N LYS A 311 -21.16 15.23 -2.43
CA LYS A 311 -20.98 14.76 -3.79
C LYS A 311 -20.85 13.23 -3.82
N ASP A 312 -21.04 12.63 -5.00
CA ASP A 312 -20.98 11.19 -5.25
C ASP A 312 -19.51 10.76 -5.35
N PRO A 313 -19.12 9.63 -4.69
CA PRO A 313 -17.75 9.10 -4.75
C PRO A 313 -17.48 8.76 -6.21
N LEU A 314 -16.22 8.81 -6.64
CA LEU A 314 -15.91 8.45 -8.02
C LEU A 314 -15.97 6.93 -8.17
N ALA A 315 -16.45 6.44 -9.33
CA ALA A 315 -16.27 5.07 -9.80
C ALA A 315 -14.79 4.79 -10.05
N PRO A 316 -14.35 3.51 -10.08
CA PRO A 316 -12.94 3.18 -10.32
C PRO A 316 -12.28 3.77 -11.56
N ALA A 317 -12.99 3.77 -12.69
CA ALA A 317 -12.36 4.35 -13.86
C ALA A 317 -12.09 5.86 -13.69
N ALA A 318 -13.07 6.57 -13.09
CA ALA A 318 -12.95 8.00 -12.89
C ALA A 318 -11.78 8.29 -11.93
N MET A 319 -11.67 7.47 -10.89
CA MET A 319 -10.64 7.71 -9.90
C MET A 319 -9.24 7.62 -10.57
N ARG A 320 -9.07 6.56 -11.36
CA ARG A 320 -7.78 6.32 -11.99
C ARG A 320 -7.41 7.47 -12.94
N THR A 321 -8.38 7.98 -13.74
CA THR A 321 -8.16 9.07 -14.66
C THR A 321 -7.74 10.32 -13.87
N LEU A 322 -8.42 10.54 -12.76
CA LEU A 322 -8.16 11.69 -11.95
C LEU A 322 -6.73 11.65 -11.40
N LEU A 323 -6.31 10.52 -10.82
CA LEU A 323 -4.99 10.42 -10.20
C LEU A 323 -3.96 10.68 -11.32
N LYS A 324 -4.28 10.19 -12.53
CA LYS A 324 -3.27 10.23 -13.57
C LYS A 324 -3.16 11.66 -14.09
N GLU A 325 -4.32 12.27 -14.30
CA GLU A 325 -4.43 13.58 -14.91
C GLU A 325 -3.84 14.64 -13.98
N THR A 326 -3.90 14.45 -12.64
CA THR A 326 -3.40 15.48 -11.75
C THR A 326 -1.99 15.21 -11.19
N ALA A 327 -1.32 14.12 -11.67
CA ALA A 327 0.00 13.75 -11.18
C ALA A 327 0.94 14.90 -11.51
N ARG A 328 1.87 15.23 -10.64
CA ARG A 328 2.92 16.20 -10.95
C ARG A 328 3.97 15.62 -11.90
N PRO A 329 4.21 16.20 -13.10
CA PRO A 329 5.26 15.67 -13.97
C PRO A 329 6.62 15.69 -13.28
N PHE A 330 7.42 14.70 -13.67
CA PHE A 330 8.69 14.41 -13.03
C PHE A 330 9.60 15.62 -13.13
N PRO A 331 10.23 16.02 -11.98
CA PRO A 331 11.25 17.07 -11.98
C PRO A 331 12.61 16.74 -12.55
N VAL A 332 12.82 15.47 -12.93
CA VAL A 332 14.03 14.93 -13.57
C VAL A 332 13.58 14.08 -14.76
N SER A 333 14.36 14.04 -15.86
CA SER A 333 14.03 13.26 -17.03
C SER A 333 13.83 11.79 -16.65
N ILE A 334 12.73 11.20 -17.12
CA ILE A 334 12.56 9.74 -17.11
C ILE A 334 13.10 9.14 -18.42
N PRO A 335 14.04 8.14 -18.42
CA PRO A 335 14.50 7.47 -19.64
C PRO A 335 13.40 6.90 -20.53
N THR A 336 13.64 7.01 -21.82
CA THR A 336 12.57 6.76 -22.76
C THR A 336 12.21 5.28 -22.63
N ALA A 337 13.22 4.44 -22.39
CA ALA A 337 12.94 3.00 -22.39
C ALA A 337 12.14 2.61 -21.12
N THR A 338 12.00 3.49 -20.12
CA THR A 338 11.44 3.03 -18.86
C THR A 338 10.37 4.02 -18.39
N PRO A 339 9.19 4.16 -19.07
CA PRO A 339 8.18 5.11 -18.58
C PRO A 339 7.52 4.54 -17.32
N ILE A 340 7.20 5.46 -16.38
CA ILE A 340 6.60 5.15 -15.08
C ILE A 340 5.35 6.03 -14.89
N GLY A 341 4.50 6.17 -15.95
CA GLY A 341 3.22 6.83 -15.80
C GLY A 341 3.34 8.33 -16.04
N THR A 342 2.27 9.10 -15.64
CA THR A 342 2.12 10.49 -16.02
C THR A 342 2.90 11.41 -15.08
N GLY A 343 3.36 10.89 -13.94
CA GLY A 343 3.99 11.76 -12.94
C GLY A 343 3.86 11.14 -11.56
N ILE A 344 4.15 11.95 -10.55
CA ILE A 344 4.11 11.58 -9.15
C ILE A 344 2.77 12.05 -8.61
N VAL A 345 2.06 11.15 -7.97
CA VAL A 345 0.77 11.45 -7.36
C VAL A 345 0.92 12.71 -6.51
N ASP A 346 -0.06 13.59 -6.70
CA ASP A 346 -0.08 14.89 -6.03
C ASP A 346 -1.43 15.03 -5.32
N ALA A 347 -1.44 14.85 -4.00
CA ALA A 347 -2.68 14.72 -3.25
C ALA A 347 -3.50 16.00 -3.36
N LYS A 348 -2.81 17.14 -3.40
CA LYS A 348 -3.50 18.43 -3.39
C LYS A 348 -4.16 18.69 -4.75
N ALA A 349 -3.45 18.44 -5.87
CA ALA A 349 -3.94 18.59 -7.24
C ALA A 349 -5.16 17.67 -7.46
N ALA A 350 -5.02 16.42 -6.93
CA ALA A 350 -6.09 15.43 -6.99
C ALA A 350 -7.35 15.99 -6.32
N LEU A 351 -7.20 16.56 -5.11
CA LEU A 351 -8.33 17.15 -4.42
C LEU A 351 -8.91 18.36 -5.19
N ALA A 352 -8.08 19.24 -5.76
CA ALA A 352 -8.53 20.49 -6.35
C ALA A 352 -9.43 20.19 -7.56
N LYS A 353 -9.04 19.20 -8.37
CA LYS A 353 -9.78 18.78 -9.54
C LYS A 353 -11.10 18.10 -9.18
N ALA A 354 -11.06 17.12 -8.28
CA ALA A 354 -12.27 16.46 -7.81
C ALA A 354 -13.29 17.45 -7.26
N LEU A 355 -12.85 18.48 -6.54
CA LEU A 355 -13.80 19.37 -5.89
C LEU A 355 -14.21 20.51 -6.80
N GLU A 356 -13.54 20.73 -7.94
CA GLU A 356 -14.14 21.43 -9.07
C GLU A 356 -13.08 21.95 -10.04
N LEU B 2 4.49 -12.45 -3.39
CA LEU B 2 5.17 -11.94 -2.23
C LEU B 2 5.10 -10.42 -2.25
N LEU B 3 5.48 -9.82 -0.97
CA LEU B 3 5.50 -8.41 -0.63
C LEU B 3 6.39 -7.75 -1.69
#